data_6GCI
#
_entry.id   6GCI
#
_cell.length_a   75.650
_cell.length_b   75.650
_cell.length_c   295.480
_cell.angle_alpha   90.00
_cell.angle_beta   90.00
_cell.angle_gamma   120.00
#
_symmetry.space_group_name_H-M   'P 32 2 1'
#
loop_
_entity.id
_entity.type
_entity.pdbx_description
1 polymer 'mitochondrial ADP/ATP carrier'
2 polymer Nanobody
3 non-polymer 'Bongkrekic acid'
4 non-polymer CARDIOLIPIN
5 non-polymer 'HEXAETHYLENE GLYCOL'
#
loop_
_entity_poly.entity_id
_entity_poly.type
_entity_poly.pdbx_seq_one_letter_code
_entity_poly.pdbx_strand_id
1 'polypeptide(L)'
;MSNKQETKILGMPPFVVDFLMGGVSAAVSKTAAAPIERIKLLVQNQDEMIKAGRLDRRYNGIIDCFRRTTADEGLMALWR
GNTANVIRYFPTQALNFAFRDKFKAMFGYKKDKDGYAKWMAGNLASGGAAGATSLLFVYSLDYARTRLANDAKSAKGGGA
RQFNGLIDVYRKTLASDGIAGLYRGFGPSVAGIVVYRGLYFGMYDSIKPVVLVGPLANNFLASFLLGWCVTTGAGIASYP
LDTVRRRMMMTSGEAVKYKSSIDAFRQIIAKEGVKSLFKGAGANILRGVAGAGVLSIYDQLKILLFGKAFKGGSG
;
A
2 'polypeptide(L)'
;QVQLVESGGGLVQAGDSLRLACAASGITFSSYTMGWFRQAPGKEREYIARITGSGSNTYYADSVKGRYTISRDNAKNTAY
LQMNSLKPEDTANYYCAARDDGRMYQGFYDFEYWGQGTQVTVSSDRAIEGR
;
B
#
# COMPACT_ATOMS: atom_id res chain seq x y z
N GLY A 11 -24.86 -25.88 -14.49
CA GLY A 11 -24.50 -27.06 -15.26
C GLY A 11 -23.01 -27.23 -15.46
N MET A 12 -22.22 -26.84 -14.44
CA MET A 12 -20.75 -26.91 -14.40
C MET A 12 -20.28 -27.96 -13.34
N PRO A 13 -18.97 -28.32 -13.23
CA PRO A 13 -18.53 -29.29 -12.21
C PRO A 13 -18.80 -28.82 -10.76
N PRO A 14 -18.64 -29.68 -9.72
CA PRO A 14 -18.85 -29.19 -8.34
C PRO A 14 -17.73 -28.26 -7.89
N PHE A 15 -16.55 -28.37 -8.53
CA PHE A 15 -15.38 -27.61 -8.20
C PHE A 15 -15.42 -26.25 -8.82
N VAL A 16 -15.67 -26.16 -10.14
CA VAL A 16 -15.66 -24.88 -10.85
C VAL A 16 -16.71 -23.94 -10.29
N VAL A 17 -17.84 -24.48 -9.81
CA VAL A 17 -18.89 -23.68 -9.20
C VAL A 17 -18.33 -23.00 -7.94
N ASP A 18 -17.69 -23.78 -7.04
CA ASP A 18 -17.10 -23.22 -5.83
C ASP A 18 -16.02 -22.23 -6.15
N PHE A 19 -15.21 -22.51 -7.18
CA PHE A 19 -14.16 -21.63 -7.61
C PHE A 19 -14.75 -20.26 -7.96
N LEU A 20 -15.77 -20.25 -8.81
CA LEU A 20 -16.40 -19.00 -9.23
C LEU A 20 -17.10 -18.30 -8.10
N MET A 21 -17.75 -19.07 -7.20
CA MET A 21 -18.43 -18.48 -6.05
C MET A 21 -17.45 -17.78 -5.12
N GLY A 22 -16.34 -18.46 -4.82
CA GLY A 22 -15.27 -17.93 -3.98
C GLY A 22 -14.63 -16.69 -4.58
N GLY A 23 -14.41 -16.73 -5.89
CA GLY A 23 -13.82 -15.62 -6.63
C GLY A 23 -14.71 -14.40 -6.58
N VAL A 24 -15.98 -14.55 -6.97
CA VAL A 24 -16.96 -13.46 -6.98
C VAL A 24 -17.09 -12.83 -5.58
N SER A 25 -17.27 -13.68 -4.57
CA SER A 25 -17.40 -13.29 -3.18
C SER A 25 -16.16 -12.52 -2.72
N ALA A 26 -14.96 -12.96 -3.15
CA ALA A 26 -13.71 -12.29 -2.80
C ALA A 26 -13.65 -10.89 -3.42
N ALA A 27 -14.06 -10.79 -4.71
CA ALA A 27 -14.09 -9.53 -5.44
C ALA A 27 -15.02 -8.53 -4.75
N VAL A 28 -16.25 -8.95 -4.41
CA VAL A 28 -17.28 -8.13 -3.73
C VAL A 28 -16.74 -7.66 -2.39
N SER A 29 -16.15 -8.58 -1.62
CA SER A 29 -15.62 -8.30 -0.29
C SER A 29 -14.49 -7.27 -0.36
N LYS A 30 -13.56 -7.42 -1.32
CA LYS A 30 -12.42 -6.51 -1.44
C LYS A 30 -12.87 -5.13 -1.84
N THR A 31 -13.73 -5.04 -2.88
CA THR A 31 -14.28 -3.78 -3.39
C THR A 31 -15.11 -3.09 -2.32
N ALA A 32 -15.86 -3.86 -1.48
CA ALA A 32 -16.67 -3.29 -0.40
C ALA A 32 -15.79 -2.61 0.66
N ALA A 33 -14.77 -3.32 1.17
CA ALA A 33 -13.86 -2.81 2.20
C ALA A 33 -12.76 -1.89 1.66
N ALA A 34 -12.71 -1.64 0.33
CA ALA A 34 -11.67 -0.86 -0.33
C ALA A 34 -11.55 0.59 0.16
N PRO A 35 -12.62 1.42 0.28
CA PRO A 35 -12.42 2.81 0.70
C PRO A 35 -11.91 2.96 2.12
N ILE A 36 -12.25 2.02 3.01
CA ILE A 36 -11.80 2.09 4.41
C ILE A 36 -10.31 1.83 4.45
N GLU A 37 -9.83 0.82 3.71
CA GLU A 37 -8.42 0.54 3.67
C GLU A 37 -7.66 1.71 3.01
N ARG A 38 -8.31 2.39 2.05
CA ARG A 38 -7.71 3.53 1.35
C ARG A 38 -7.44 4.68 2.29
N ILE A 39 -8.43 5.05 3.08
CA ILE A 39 -8.27 6.14 4.03
C ILE A 39 -7.30 5.72 5.12
N LYS A 40 -7.32 4.43 5.47
CA LYS A 40 -6.43 3.92 6.50
C LYS A 40 -4.99 4.08 6.06
N LEU A 41 -4.71 3.78 4.80
CA LEU A 41 -3.36 3.90 4.27
C LEU A 41 -2.98 5.37 4.14
N LEU A 42 -3.90 6.16 3.61
CA LEU A 42 -3.68 7.59 3.44
C LEU A 42 -3.25 8.28 4.73
N VAL A 43 -3.93 7.98 5.83
CA VAL A 43 -3.60 8.59 7.11
C VAL A 43 -2.34 7.99 7.73
N GLN A 44 -2.19 6.67 7.64
CA GLN A 44 -1.02 6.00 8.20
C GLN A 44 0.29 6.42 7.54
N ASN A 45 0.28 6.56 6.22
CA ASN A 45 1.49 6.92 5.49
C ASN A 45 1.50 8.33 4.92
N GLN A 46 1.11 9.31 5.73
CA GLN A 46 1.09 10.70 5.31
C GLN A 46 2.45 11.40 5.50
N ASP A 47 3.21 11.02 6.52
CA ASP A 47 4.51 11.63 6.78
C ASP A 47 5.51 11.27 5.70
N GLU A 48 5.53 9.99 5.27
CA GLU A 48 6.41 9.53 4.19
C GLU A 48 6.06 10.21 2.86
N MET A 49 4.79 10.63 2.71
CA MET A 49 4.29 11.34 1.53
C MET A 49 4.76 12.79 1.57
N ILE A 50 4.78 13.41 2.76
CA ILE A 50 5.29 14.77 2.88
C ILE A 50 6.81 14.77 2.60
N LYS A 51 7.51 13.70 3.01
CA LYS A 51 8.94 13.54 2.77
C LYS A 51 9.20 13.41 1.25
N ALA A 52 8.41 12.58 0.54
CA ALA A 52 8.56 12.35 -0.90
C ALA A 52 7.92 13.46 -1.75
N GLY A 53 7.24 14.40 -1.09
CA GLY A 53 6.58 15.52 -1.76
C GLY A 53 5.26 15.18 -2.41
N ARG A 54 4.61 14.10 -1.94
CA ARG A 54 3.31 13.63 -2.44
C ARG A 54 2.18 14.33 -1.73
N LEU A 55 2.41 14.75 -0.50
CA LEU A 55 1.41 15.48 0.26
C LEU A 55 2.01 16.80 0.76
N ASP A 56 1.18 17.85 0.94
CA ASP A 56 1.70 19.16 1.36
C ASP A 56 1.38 19.53 2.81
N ARG A 57 0.29 19.00 3.36
CA ARG A 57 -0.08 19.23 4.76
C ARG A 57 -0.86 18.03 5.27
N ARG A 58 -0.70 17.77 6.56
CA ARG A 58 -1.33 16.65 7.26
C ARG A 58 -2.85 16.68 7.22
N TYR A 59 -3.47 15.53 7.55
CA TYR A 59 -4.91 15.42 7.66
C TYR A 59 -5.30 15.69 9.10
N ASN A 60 -6.05 16.76 9.33
CA ASN A 60 -6.49 17.13 10.68
C ASN A 60 -7.72 16.29 11.15
N GLY A 61 -7.96 15.15 10.49
CA GLY A 61 -9.04 14.22 10.81
C GLY A 61 -9.40 13.29 9.68
N ILE A 62 -9.91 12.11 10.02
CA ILE A 62 -10.32 11.08 9.05
C ILE A 62 -11.43 11.64 8.14
N ILE A 63 -12.38 12.37 8.73
CA ILE A 63 -13.48 12.96 7.97
C ILE A 63 -12.92 13.99 6.96
N ASP A 64 -11.84 14.71 7.35
CA ASP A 64 -11.20 15.68 6.46
C ASP A 64 -10.43 14.98 5.35
N CYS A 65 -9.86 13.81 5.65
CA CYS A 65 -9.18 12.98 4.67
C CYS A 65 -10.20 12.58 3.59
N PHE A 66 -11.42 12.20 4.02
CA PHE A 66 -12.50 11.88 3.10
C PHE A 66 -12.86 13.11 2.24
N ARG A 67 -13.32 14.19 2.89
CA ARG A 67 -13.73 15.44 2.24
C ARG A 67 -12.71 15.88 1.21
N ARG A 68 -11.43 15.73 1.54
CA ARG A 68 -10.32 16.15 0.70
C ARG A 68 -10.18 15.30 -0.57
N THR A 69 -9.86 14.02 -0.40
CA THR A 69 -9.61 13.11 -1.53
C THR A 69 -10.84 13.01 -2.45
N THR A 70 -12.03 12.77 -1.86
CA THR A 70 -13.28 12.63 -2.61
C THR A 70 -13.69 13.93 -3.26
N ALA A 71 -13.51 15.06 -2.59
CA ALA A 71 -13.94 16.32 -3.17
C ALA A 71 -13.16 16.71 -4.42
N ASP A 72 -11.87 16.41 -4.45
CA ASP A 72 -11.08 16.83 -5.60
C ASP A 72 -11.32 15.95 -6.85
N GLU A 73 -11.23 14.60 -6.70
CA GLU A 73 -11.30 13.63 -7.81
C GLU A 73 -12.59 12.77 -7.89
N GLY A 74 -13.59 13.07 -7.07
CA GLY A 74 -14.83 12.30 -7.05
C GLY A 74 -14.79 11.18 -6.04
N LEU A 75 -15.95 10.57 -5.73
CA LEU A 75 -16.04 9.49 -4.75
C LEU A 75 -15.26 8.26 -5.18
N MET A 76 -15.18 8.01 -6.49
CA MET A 76 -14.44 6.88 -7.08
C MET A 76 -12.97 6.87 -6.64
N ALA A 77 -12.39 8.04 -6.29
CA ALA A 77 -10.99 8.18 -5.84
C ALA A 77 -10.67 7.29 -4.63
N LEU A 78 -11.70 6.89 -3.88
CA LEU A 78 -11.59 6.04 -2.70
C LEU A 78 -11.21 4.64 -3.09
N TRP A 79 -11.52 4.24 -4.34
CA TRP A 79 -11.24 2.88 -4.80
C TRP A 79 -9.95 2.83 -5.64
N ARG A 80 -9.00 3.74 -5.39
CA ARG A 80 -7.75 3.71 -6.16
C ARG A 80 -6.90 2.54 -5.66
N GLY A 81 -6.40 1.77 -6.65
CA GLY A 81 -5.52 0.61 -6.51
C GLY A 81 -6.25 -0.70 -6.24
N ASN A 82 -7.59 -0.68 -6.23
CA ASN A 82 -8.38 -1.84 -5.87
C ASN A 82 -8.35 -2.92 -6.91
N THR A 83 -8.29 -2.58 -8.20
CA THR A 83 -8.25 -3.56 -9.29
C THR A 83 -7.09 -4.56 -9.08
N ALA A 84 -5.90 -4.07 -8.71
CA ALA A 84 -4.73 -4.91 -8.44
C ALA A 84 -4.98 -5.85 -7.28
N ASN A 85 -5.67 -5.38 -6.24
CA ASN A 85 -5.99 -6.22 -5.09
C ASN A 85 -7.02 -7.26 -5.43
N VAL A 86 -7.88 -6.97 -6.40
CA VAL A 86 -8.88 -7.94 -6.81
C VAL A 86 -8.23 -8.97 -7.72
N ILE A 87 -7.27 -8.58 -8.57
CA ILE A 87 -6.58 -9.53 -9.45
C ILE A 87 -5.65 -10.40 -8.62
N ARG A 88 -5.28 -9.94 -7.41
CA ARG A 88 -4.45 -10.74 -6.51
C ARG A 88 -5.34 -11.67 -5.69
N TYR A 89 -6.39 -11.11 -5.10
CA TYR A 89 -7.29 -11.78 -4.20
C TYR A 89 -8.24 -12.78 -4.87
N PHE A 90 -8.79 -12.46 -6.05
CA PHE A 90 -9.75 -13.33 -6.75
C PHE A 90 -9.23 -14.75 -6.91
N PRO A 91 -8.06 -15.00 -7.54
CA PRO A 91 -7.63 -16.39 -7.74
C PRO A 91 -7.30 -17.09 -6.42
N THR A 92 -6.72 -16.34 -5.46
CA THR A 92 -6.33 -16.80 -4.12
C THR A 92 -7.53 -17.38 -3.38
N GLN A 93 -8.56 -16.57 -3.16
CA GLN A 93 -9.74 -17.03 -2.43
C GLN A 93 -10.53 -18.02 -3.23
N ALA A 94 -10.56 -17.88 -4.57
CA ALA A 94 -11.27 -18.86 -5.39
C ALA A 94 -10.65 -20.23 -5.20
N LEU A 95 -9.32 -20.35 -5.34
CA LEU A 95 -8.65 -21.61 -5.09
C LEU A 95 -8.87 -22.10 -3.68
N ASN A 96 -8.83 -21.21 -2.70
CA ASN A 96 -9.01 -21.58 -1.31
C ASN A 96 -10.37 -22.21 -1.05
N PHE A 97 -11.45 -21.63 -1.57
CA PHE A 97 -12.79 -22.11 -1.27
C PHE A 97 -13.10 -23.39 -2.00
N ALA A 98 -12.78 -23.45 -3.29
CA ALA A 98 -12.99 -24.63 -4.11
C ALA A 98 -12.26 -25.81 -3.50
N PHE A 99 -11.00 -25.61 -3.13
CA PHE A 99 -10.21 -26.66 -2.52
C PHE A 99 -10.72 -27.03 -1.15
N ARG A 100 -11.20 -26.07 -0.34
CA ARG A 100 -11.74 -26.41 0.99
C ARG A 100 -12.88 -27.40 0.90
N ASP A 101 -13.87 -27.14 0.01
CA ASP A 101 -15.02 -28.02 -0.17
C ASP A 101 -14.60 -29.36 -0.75
N LYS A 102 -13.55 -29.37 -1.60
CA LYS A 102 -13.04 -30.59 -2.16
C LYS A 102 -12.44 -31.44 -1.05
N PHE A 103 -11.43 -30.96 -0.34
CA PHE A 103 -10.79 -31.70 0.75
C PHE A 103 -11.81 -32.11 1.81
N LYS A 104 -12.80 -31.25 2.11
CA LYS A 104 -13.90 -31.54 3.06
C LYS A 104 -14.70 -32.76 2.61
N ALA A 105 -14.94 -32.88 1.29
CA ALA A 105 -15.62 -34.02 0.70
C ALA A 105 -14.71 -35.23 0.69
N MET A 106 -13.38 -35.04 0.54
CA MET A 106 -12.39 -36.14 0.55
C MET A 106 -12.41 -36.81 1.92
N PHE A 107 -12.47 -36.03 3.00
CA PHE A 107 -12.58 -36.60 4.33
C PHE A 107 -14.01 -37.15 4.51
N GLY A 108 -15.00 -36.28 4.28
CA GLY A 108 -16.42 -36.57 4.34
C GLY A 108 -16.92 -37.01 5.70
N TYR A 109 -16.42 -36.35 6.76
CA TYR A 109 -16.85 -36.73 8.09
C TYR A 109 -18.24 -36.23 8.38
N LYS A 110 -18.98 -37.04 9.11
CA LYS A 110 -20.29 -36.69 9.60
C LYS A 110 -20.11 -36.50 11.10
N LYS A 111 -20.48 -35.30 11.63
CA LYS A 111 -20.34 -34.98 13.07
C LYS A 111 -20.79 -36.16 13.96
N ASP A 112 -21.99 -36.75 13.63
CA ASP A 112 -22.69 -37.84 14.32
C ASP A 112 -22.08 -39.20 14.06
N LYS A 113 -21.63 -39.46 12.83
CA LYS A 113 -21.07 -40.76 12.49
C LYS A 113 -19.64 -40.92 12.99
N ASP A 114 -18.85 -39.83 13.09
CA ASP A 114 -17.43 -39.96 13.44
C ASP A 114 -16.95 -39.21 14.71
N GLY A 115 -17.83 -38.56 15.45
CA GLY A 115 -17.43 -37.83 16.65
C GLY A 115 -17.12 -36.39 16.31
N TYR A 116 -17.55 -35.45 17.17
CA TYR A 116 -17.40 -34.02 16.92
C TYR A 116 -15.94 -33.58 16.80
N ALA A 117 -15.04 -34.05 17.68
CA ALA A 117 -13.64 -33.64 17.63
C ALA A 117 -12.96 -34.07 16.34
N LYS A 118 -13.27 -35.28 15.85
CA LYS A 118 -12.74 -35.78 14.59
C LYS A 118 -13.29 -34.96 13.43
N TRP A 119 -14.58 -34.58 13.49
CA TRP A 119 -15.21 -33.76 12.45
C TRP A 119 -14.58 -32.36 12.36
N MET A 120 -14.38 -31.69 13.51
CA MET A 120 -13.72 -30.39 13.56
C MET A 120 -12.30 -30.50 13.04
N ALA A 121 -11.60 -31.60 13.37
CA ALA A 121 -10.27 -31.86 12.84
C ALA A 121 -10.32 -31.99 11.32
N GLY A 122 -11.44 -32.50 10.81
CA GLY A 122 -11.68 -32.60 9.38
C GLY A 122 -11.76 -31.23 8.74
N ASN A 123 -12.47 -30.28 9.39
CA ASN A 123 -12.63 -28.90 8.91
C ASN A 123 -11.30 -28.17 8.94
N LEU A 124 -10.57 -28.28 10.06
CA LEU A 124 -9.25 -27.64 10.23
C LEU A 124 -8.25 -28.17 9.20
N ALA A 125 -8.18 -29.51 9.02
CA ALA A 125 -7.30 -30.15 8.04
C ALA A 125 -7.60 -29.67 6.64
N SER A 126 -8.88 -29.56 6.28
CA SER A 126 -9.33 -29.09 4.96
C SER A 126 -8.91 -27.64 4.70
N GLY A 127 -9.11 -26.77 5.69
CA GLY A 127 -8.73 -25.37 5.61
C GLY A 127 -7.25 -25.20 5.37
N GLY A 128 -6.45 -25.91 6.16
CA GLY A 128 -5.00 -25.89 6.04
C GLY A 128 -4.48 -26.40 4.71
N ALA A 129 -4.98 -27.58 4.28
CA ALA A 129 -4.62 -28.18 3.00
C ALA A 129 -4.95 -27.25 1.82
N ALA A 130 -6.15 -26.60 1.85
CA ALA A 130 -6.59 -25.69 0.80
C ALA A 130 -5.67 -24.47 0.74
N GLY A 131 -5.28 -23.94 1.91
CA GLY A 131 -4.38 -22.79 2.01
C GLY A 131 -3.05 -23.10 1.38
N ALA A 132 -2.48 -24.24 1.74
CA ALA A 132 -1.22 -24.71 1.22
C ALA A 132 -1.26 -24.94 -0.29
N THR A 133 -2.35 -25.51 -0.82
CA THR A 133 -2.47 -25.72 -2.25
C THR A 133 -2.54 -24.39 -2.97
N SER A 134 -3.48 -23.50 -2.58
CA SER A 134 -3.62 -22.20 -3.23
C SER A 134 -2.29 -21.49 -3.27
N LEU A 135 -1.56 -21.46 -2.13
CA LEU A 135 -0.26 -20.83 -1.99
C LEU A 135 0.71 -21.39 -2.98
N LEU A 136 0.70 -22.70 -3.14
CA LEU A 136 1.60 -23.35 -4.11
C LEU A 136 1.32 -22.85 -5.51
N PHE A 137 0.08 -22.54 -5.83
CA PHE A 137 -0.26 -22.10 -7.17
C PHE A 137 -0.05 -20.61 -7.42
N VAL A 138 -0.31 -19.72 -6.43
CA VAL A 138 -0.29 -18.28 -6.63
C VAL A 138 1.05 -17.57 -6.13
N TYR A 139 1.83 -18.21 -5.24
CA TYR A 139 3.05 -17.64 -4.67
C TYR A 139 3.97 -17.01 -5.70
N SER A 140 4.35 -17.71 -6.78
CA SER A 140 5.27 -17.15 -7.78
C SER A 140 4.68 -15.90 -8.42
N LEU A 141 3.37 -15.89 -8.70
CA LEU A 141 2.71 -14.72 -9.26
C LEU A 141 2.83 -13.50 -8.32
N ASP A 142 2.67 -13.72 -7.01
CA ASP A 142 2.78 -12.65 -6.03
C ASP A 142 4.17 -12.11 -6.04
N TYR A 143 5.18 -12.97 -6.13
CA TYR A 143 6.58 -12.54 -6.20
C TYR A 143 6.83 -11.65 -7.42
N ALA A 144 6.42 -12.12 -8.62
CA ALA A 144 6.61 -11.42 -9.89
C ALA A 144 5.89 -10.10 -9.94
N ARG A 145 4.61 -10.03 -9.51
CA ARG A 145 3.87 -8.78 -9.48
C ARG A 145 4.58 -7.74 -8.63
N THR A 146 5.08 -8.17 -7.44
CA THR A 146 5.86 -7.35 -6.51
C THR A 146 7.09 -6.80 -7.21
N ARG A 147 7.90 -7.67 -7.85
CA ARG A 147 9.13 -7.29 -8.57
C ARG A 147 8.87 -6.23 -9.63
N LEU A 148 7.80 -6.45 -10.43
CA LEU A 148 7.39 -5.55 -11.50
C LEU A 148 6.98 -4.19 -10.96
N ALA A 149 6.19 -4.16 -9.85
CA ALA A 149 5.73 -2.94 -9.20
C ALA A 149 6.90 -2.08 -8.69
N ASN A 150 7.86 -2.72 -8.02
CA ASN A 150 9.03 -2.04 -7.48
C ASN A 150 9.89 -1.49 -8.60
N ASP A 151 9.98 -2.24 -9.71
CA ASP A 151 10.74 -1.82 -10.88
C ASP A 151 10.04 -0.63 -11.55
N ALA A 152 8.68 -0.59 -11.49
CA ALA A 152 7.89 0.50 -12.04
C ALA A 152 8.10 1.80 -11.22
N LYS A 153 8.18 1.69 -9.88
CA LYS A 153 8.40 2.84 -9.00
C LYS A 153 9.77 3.41 -9.22
N SER A 154 10.81 2.55 -9.26
CA SER A 154 12.16 3.02 -9.53
C SER A 154 12.23 3.70 -10.91
N ALA A 155 11.55 3.07 -11.93
CA ALA A 155 11.48 3.57 -13.31
C ALA A 155 10.75 4.94 -13.38
N LYS A 156 9.71 5.11 -12.52
CA LYS A 156 8.93 6.35 -12.44
C LYS A 156 9.83 7.50 -12.03
N GLY A 157 10.74 7.24 -11.06
CA GLY A 157 11.71 8.21 -10.57
C GLY A 157 13.00 8.35 -11.38
N GLY A 158 13.02 7.85 -12.63
CA GLY A 158 14.19 7.93 -13.50
C GLY A 158 15.16 6.77 -13.38
N GLY A 159 14.93 5.89 -12.41
CA GLY A 159 15.76 4.70 -12.19
C GLY A 159 15.67 3.74 -13.36
N ALA A 160 16.78 3.05 -13.62
CA ALA A 160 16.88 2.09 -14.73
C ALA A 160 15.88 0.93 -14.58
N ARG A 161 15.15 0.67 -15.67
CA ARG A 161 14.19 -0.43 -15.73
C ARG A 161 14.93 -1.78 -15.80
N GLN A 162 14.29 -2.84 -15.28
CA GLN A 162 14.83 -4.20 -15.30
C GLN A 162 14.01 -5.13 -16.18
N PHE A 163 12.69 -4.95 -16.21
CA PHE A 163 11.81 -5.85 -16.92
C PHE A 163 10.82 -5.10 -17.77
N ASN A 164 10.46 -5.69 -18.92
CA ASN A 164 9.42 -5.18 -19.81
C ASN A 164 8.03 -5.52 -19.19
N GLY A 165 7.80 -6.79 -18.86
CA GLY A 165 6.55 -7.24 -18.25
C GLY A 165 6.72 -8.39 -17.29
N LEU A 166 5.61 -9.05 -16.91
CA LEU A 166 5.62 -10.21 -16.00
C LEU A 166 6.39 -11.35 -16.57
N ILE A 167 6.23 -11.60 -17.86
CA ILE A 167 6.90 -12.70 -18.51
C ILE A 167 8.40 -12.48 -18.45
N ASP A 168 8.83 -11.21 -18.55
CA ASP A 168 10.26 -10.89 -18.47
C ASP A 168 10.79 -11.19 -17.08
N VAL A 169 9.95 -10.97 -16.04
CA VAL A 169 10.31 -11.24 -14.64
C VAL A 169 10.55 -12.71 -14.46
N TYR A 170 9.60 -13.52 -14.94
CA TYR A 170 9.68 -14.96 -14.90
C TYR A 170 10.89 -15.41 -15.67
N ARG A 171 11.09 -14.88 -16.89
CA ARG A 171 12.20 -15.31 -17.71
C ARG A 171 13.52 -15.10 -17.00
N LYS A 172 13.81 -13.83 -16.59
CA LYS A 172 15.06 -13.44 -15.96
C LYS A 172 15.30 -14.19 -14.62
N THR A 173 14.28 -14.25 -13.72
CA THR A 173 14.44 -14.92 -12.41
C THR A 173 14.63 -16.43 -12.59
N LEU A 174 13.94 -17.01 -13.58
CA LEU A 174 14.10 -18.44 -13.84
C LEU A 174 15.48 -18.72 -14.38
N ALA A 175 15.97 -17.83 -15.23
CA ALA A 175 17.27 -18.01 -15.83
C ALA A 175 18.39 -17.88 -14.80
N SER A 176 18.20 -17.05 -13.76
CA SER A 176 19.25 -16.84 -12.77
C SER A 176 19.18 -17.82 -11.60
N ASP A 177 17.98 -18.06 -11.03
CA ASP A 177 17.87 -18.91 -9.84
C ASP A 177 16.89 -20.10 -9.99
N GLY A 178 16.16 -20.16 -11.11
CA GLY A 178 15.23 -21.27 -11.35
C GLY A 178 13.94 -21.15 -10.59
N ILE A 179 13.26 -22.27 -10.41
CA ILE A 179 11.97 -22.27 -9.72
C ILE A 179 12.11 -21.77 -8.26
N ALA A 180 13.27 -22.02 -7.61
CA ALA A 180 13.53 -21.61 -6.24
C ALA A 180 13.50 -20.10 -6.12
N GLY A 181 13.94 -19.41 -7.18
CA GLY A 181 13.94 -17.95 -7.26
C GLY A 181 12.54 -17.37 -7.22
N LEU A 182 11.58 -18.05 -7.85
CA LEU A 182 10.17 -17.63 -7.89
C LEU A 182 9.45 -17.94 -6.57
N TYR A 183 9.80 -19.06 -5.92
CA TYR A 183 9.21 -19.47 -4.66
C TYR A 183 10.14 -19.14 -3.50
N ARG A 184 10.83 -18.00 -3.58
CA ARG A 184 11.78 -17.62 -2.55
C ARG A 184 11.05 -17.31 -1.25
N GLY A 185 11.46 -17.99 -0.17
CA GLY A 185 10.87 -17.88 1.16
C GLY A 185 9.50 -18.54 1.27
N PHE A 186 9.33 -19.71 0.62
CA PHE A 186 8.06 -20.42 0.56
C PHE A 186 7.71 -21.14 1.86
N GLY A 187 8.71 -21.73 2.50
CA GLY A 187 8.53 -22.50 3.72
C GLY A 187 7.78 -21.81 4.84
N PRO A 188 8.29 -20.70 5.39
CA PRO A 188 7.57 -20.05 6.50
C PRO A 188 6.23 -19.59 5.93
N SER A 189 6.19 -19.28 4.62
CA SER A 189 4.95 -18.87 3.97
C SER A 189 3.85 -19.95 4.01
N VAL A 190 4.23 -21.18 3.68
CA VAL A 190 3.27 -22.27 3.77
C VAL A 190 2.91 -22.75 5.18
N ALA A 191 3.82 -22.62 6.15
CA ALA A 191 3.50 -22.97 7.53
C ALA A 191 2.44 -21.98 8.09
N GLY A 192 2.71 -20.69 7.87
CA GLY A 192 1.81 -19.60 8.28
C GLY A 192 0.44 -19.68 7.65
N ILE A 193 0.40 -20.08 6.37
CA ILE A 193 -0.86 -20.14 5.69
C ILE A 193 -1.60 -21.39 6.06
N VAL A 194 -0.90 -22.47 6.45
CA VAL A 194 -1.61 -23.69 6.81
C VAL A 194 -2.29 -23.46 8.16
N VAL A 195 -1.65 -22.66 9.05
CA VAL A 195 -2.18 -22.27 10.37
C VAL A 195 -3.31 -21.33 10.16
N TYR A 196 -3.08 -20.24 9.42
CA TYR A 196 -4.09 -19.24 9.19
C TYR A 196 -5.32 -19.80 8.48
N ARG A 197 -5.17 -20.45 7.34
CA ARG A 197 -6.32 -20.97 6.64
C ARG A 197 -7.00 -22.13 7.41
N GLY A 198 -6.20 -22.89 8.17
CA GLY A 198 -6.72 -23.97 9.01
C GLY A 198 -7.70 -23.41 10.02
N LEU A 199 -7.28 -22.37 10.74
CA LEU A 199 -8.11 -21.74 11.76
C LEU A 199 -9.22 -20.93 11.12
N TYR A 200 -8.94 -20.32 10.00
CA TYR A 200 -9.93 -19.55 9.25
C TYR A 200 -11.13 -20.46 8.86
N PHE A 201 -10.91 -21.37 7.89
CA PHE A 201 -11.96 -22.26 7.42
C PHE A 201 -12.42 -23.22 8.50
N GLY A 202 -11.47 -23.82 9.21
CA GLY A 202 -11.78 -24.81 10.24
C GLY A 202 -12.62 -24.27 11.36
N MET A 203 -12.19 -23.17 11.98
CA MET A 203 -12.92 -22.60 13.10
C MET A 203 -14.26 -22.05 12.68
N TYR A 204 -14.35 -21.42 11.52
CA TYR A 204 -15.62 -20.89 11.04
C TYR A 204 -16.63 -22.01 10.84
N ASP A 205 -16.26 -23.06 10.09
CA ASP A 205 -17.17 -24.15 9.79
C ASP A 205 -17.50 -25.00 10.99
N SER A 206 -16.61 -25.03 11.99
CA SER A 206 -16.80 -25.84 13.19
C SER A 206 -17.64 -25.12 14.26
N ILE A 207 -17.61 -23.79 14.28
CA ILE A 207 -18.38 -23.02 15.26
C ILE A 207 -19.73 -22.58 14.67
N LYS A 208 -19.82 -22.36 13.34
CA LYS A 208 -21.07 -21.90 12.72
C LYS A 208 -22.32 -22.72 13.11
N PRO A 209 -22.35 -24.06 13.06
CA PRO A 209 -23.60 -24.75 13.42
C PRO A 209 -23.90 -24.69 14.91
N VAL A 210 -22.84 -24.52 15.74
CA VAL A 210 -22.94 -24.50 17.20
C VAL A 210 -23.65 -23.23 17.67
N VAL A 211 -23.23 -22.08 17.19
CA VAL A 211 -23.75 -20.81 17.65
C VAL A 211 -24.88 -20.23 16.79
N LEU A 212 -24.81 -20.42 15.45
CA LEU A 212 -25.81 -19.91 14.51
C LEU A 212 -26.89 -20.95 14.27
N VAL A 213 -27.83 -21.01 15.21
CA VAL A 213 -28.93 -21.94 15.17
C VAL A 213 -30.25 -21.14 15.29
N GLY A 214 -31.35 -21.74 14.80
CA GLY A 214 -32.68 -21.15 14.79
C GLY A 214 -32.83 -20.12 13.70
N PRO A 215 -33.21 -18.85 14.05
CA PRO A 215 -33.31 -17.81 13.02
C PRO A 215 -31.95 -17.38 12.43
N LEU A 216 -30.86 -17.73 13.13
CA LEU A 216 -29.53 -17.34 12.70
C LEU A 216 -28.90 -18.32 11.72
N ALA A 217 -29.61 -19.42 11.37
CA ALA A 217 -29.05 -20.40 10.44
C ALA A 217 -28.80 -19.80 9.03
N ASN A 218 -29.72 -18.94 8.55
CA ASN A 218 -29.61 -18.30 7.24
C ASN A 218 -29.14 -16.83 7.34
N ASN A 219 -29.06 -16.26 8.58
CA ASN A 219 -28.66 -14.86 8.82
C ASN A 219 -27.24 -14.56 8.30
N PHE A 220 -27.03 -13.33 7.81
CA PHE A 220 -25.78 -12.86 7.21
C PHE A 220 -24.90 -12.10 8.20
N LEU A 221 -25.47 -11.11 8.92
CA LEU A 221 -24.73 -10.28 9.88
C LEU A 221 -24.05 -11.16 10.92
N ALA A 222 -24.72 -12.24 11.32
CA ALA A 222 -24.19 -13.21 12.29
C ALA A 222 -23.02 -13.96 11.67
N SER A 223 -23.18 -14.39 10.41
CA SER A 223 -22.13 -15.10 9.68
C SER A 223 -20.90 -14.22 9.54
N PHE A 224 -21.07 -12.94 9.18
CA PHE A 224 -19.98 -11.98 9.03
C PHE A 224 -19.27 -11.73 10.35
N LEU A 225 -20.03 -11.61 11.44
CA LEU A 225 -19.44 -11.37 12.75
C LEU A 225 -18.65 -12.57 13.19
N LEU A 226 -19.18 -13.79 12.97
CA LEU A 226 -18.47 -15.01 13.32
C LEU A 226 -17.17 -15.10 12.53
N GLY A 227 -17.24 -14.80 11.24
CA GLY A 227 -16.07 -14.79 10.38
C GLY A 227 -15.10 -13.74 10.85
N TRP A 228 -15.61 -12.60 11.40
CA TRP A 228 -14.82 -11.46 11.91
C TRP A 228 -13.99 -11.95 13.10
N CYS A 229 -14.62 -12.67 14.05
CA CYS A 229 -13.91 -13.24 15.19
C CYS A 229 -12.89 -14.21 14.73
N VAL A 230 -13.30 -15.11 13.84
CA VAL A 230 -12.44 -16.17 13.33
C VAL A 230 -11.18 -15.57 12.71
N THR A 231 -11.32 -14.54 11.84
CA THR A 231 -10.20 -13.87 11.18
C THR A 231 -9.36 -13.17 12.22
N THR A 232 -9.98 -12.50 13.21
CA THR A 232 -9.23 -11.84 14.28
C THR A 232 -8.32 -12.83 15.00
N GLY A 233 -8.92 -13.86 15.58
CA GLY A 233 -8.19 -14.87 16.33
C GLY A 233 -7.15 -15.58 15.49
N ALA A 234 -7.55 -16.03 14.28
CA ALA A 234 -6.66 -16.76 13.36
C ALA A 234 -5.50 -15.88 12.93
N GLY A 235 -5.77 -14.59 12.70
CA GLY A 235 -4.72 -13.67 12.31
C GLY A 235 -3.69 -13.57 13.42
N ILE A 236 -4.18 -13.45 14.65
CA ILE A 236 -3.31 -13.35 15.80
C ILE A 236 -2.47 -14.61 15.98
N ALA A 237 -3.09 -15.76 15.78
CA ALA A 237 -2.42 -17.03 15.94
C ALA A 237 -1.38 -17.30 14.86
N SER A 238 -1.66 -16.85 13.65
CA SER A 238 -0.75 -17.05 12.54
C SER A 238 0.28 -15.91 12.40
N TYR A 239 0.18 -14.87 13.24
CA TYR A 239 1.08 -13.73 13.12
C TYR A 239 2.57 -14.04 13.32
N PRO A 240 3.03 -14.86 14.31
CA PRO A 240 4.48 -15.07 14.45
C PRO A 240 5.14 -15.64 13.20
N LEU A 241 4.46 -16.57 12.51
CA LEU A 241 4.99 -17.14 11.28
C LEU A 241 5.06 -16.08 10.19
N ASP A 242 4.20 -15.05 10.29
CA ASP A 242 4.22 -13.94 9.35
C ASP A 242 5.41 -13.03 9.66
N THR A 243 5.78 -12.91 10.94
CA THR A 243 6.93 -12.10 11.36
C THR A 243 8.18 -12.76 10.80
N VAL A 244 8.32 -14.08 10.99
CA VAL A 244 9.45 -14.87 10.48
C VAL A 244 9.48 -14.81 8.94
N ARG A 245 8.31 -14.86 8.28
CA ARG A 245 8.19 -14.83 6.83
C ARG A 245 8.69 -13.51 6.28
N ARG A 246 8.07 -12.38 6.68
CA ARG A 246 8.45 -11.04 6.25
C ARG A 246 9.91 -10.78 6.54
N ARG A 247 10.37 -11.16 7.74
CA ARG A 247 11.75 -10.98 8.17
C ARG A 247 12.72 -11.75 7.28
N MET A 248 12.34 -12.96 6.83
CA MET A 248 13.20 -13.77 5.97
C MET A 248 13.24 -13.28 4.52
N MET A 249 12.13 -12.71 4.03
CA MET A 249 12.05 -12.19 2.66
C MET A 249 12.58 -10.75 2.55
N MET A 250 13.03 -10.16 3.69
CA MET A 250 13.55 -8.79 3.78
C MET A 250 14.84 -8.59 2.97
N THR A 251 15.34 -9.68 2.29
CA THR A 251 16.56 -9.70 1.48
C THR A 251 16.54 -8.65 0.31
N SER A 252 15.34 -8.42 -0.30
CA SER A 252 15.12 -7.47 -1.40
C SER A 252 15.33 -6.01 -0.95
N LYS A 257 20.47 -12.34 6.16
CA LYS A 257 20.74 -12.10 7.56
C LYS A 257 20.42 -13.33 8.42
N TYR A 258 19.60 -14.26 7.89
CA TYR A 258 19.19 -15.50 8.58
C TYR A 258 19.20 -16.72 7.65
N LYS A 259 19.58 -17.88 8.20
CA LYS A 259 19.60 -19.17 7.49
C LYS A 259 18.59 -20.09 8.16
N SER A 260 17.53 -20.49 7.41
CA SER A 260 16.40 -21.32 7.88
C SER A 260 15.51 -20.55 8.88
N SER A 261 14.20 -20.81 8.85
CA SER A 261 13.20 -20.15 9.69
C SER A 261 13.38 -20.47 11.16
N ILE A 262 13.95 -21.63 11.48
CA ILE A 262 14.15 -22.04 12.88
C ILE A 262 15.23 -21.16 13.51
N ASP A 263 16.32 -20.85 12.76
CA ASP A 263 17.36 -19.97 13.29
C ASP A 263 16.86 -18.54 13.38
N ALA A 264 16.00 -18.11 12.43
CA ALA A 264 15.40 -16.78 12.47
C ALA A 264 14.49 -16.67 13.71
N PHE A 265 13.72 -17.72 13.99
CA PHE A 265 12.84 -17.79 15.14
C PHE A 265 13.62 -17.68 16.44
N ARG A 266 14.59 -18.57 16.64
CA ARG A 266 15.42 -18.61 17.85
C ARG A 266 16.22 -17.32 18.06
N GLN A 267 16.80 -16.75 16.99
CA GLN A 267 17.60 -15.53 17.09
C GLN A 267 16.74 -14.31 17.37
N ILE A 268 15.48 -14.28 16.90
CA ILE A 268 14.60 -13.14 17.16
C ILE A 268 14.06 -13.24 18.59
N ILE A 269 13.64 -14.45 19.03
CA ILE A 269 13.10 -14.62 20.38
C ILE A 269 14.18 -14.37 21.43
N ALA A 270 15.45 -14.68 21.09
CA ALA A 270 16.56 -14.53 22.02
C ALA A 270 17.12 -13.09 22.03
N LYS A 271 17.19 -12.41 20.86
CA LYS A 271 17.75 -11.06 20.75
C LYS A 271 16.71 -9.95 20.90
N GLU A 272 15.41 -10.25 20.74
CA GLU A 272 14.37 -9.23 20.85
C GLU A 272 13.32 -9.58 21.92
N GLY A 273 12.93 -10.85 21.99
CA GLY A 273 11.92 -11.31 22.94
C GLY A 273 10.75 -11.98 22.24
N VAL A 274 9.93 -12.69 22.99
CA VAL A 274 8.77 -13.33 22.40
C VAL A 274 7.75 -12.28 21.98
N LYS A 275 7.76 -11.16 22.69
CA LYS A 275 6.85 -10.05 22.43
C LYS A 275 7.06 -9.43 21.05
N SER A 276 8.31 -9.38 20.63
CA SER A 276 8.68 -8.78 19.35
C SER A 276 8.02 -9.46 18.16
N LEU A 277 7.88 -10.78 18.21
CA LEU A 277 7.27 -11.50 17.10
C LEU A 277 5.83 -11.05 16.86
N PHE A 278 5.09 -10.84 17.93
CA PHE A 278 3.70 -10.40 17.84
C PHE A 278 3.48 -8.94 17.45
N LYS A 279 4.53 -8.12 17.51
CA LYS A 279 4.37 -6.70 17.21
C LYS A 279 3.84 -6.46 15.80
N GLY A 280 2.90 -5.52 15.68
CA GLY A 280 2.25 -5.21 14.43
C GLY A 280 0.97 -6.00 14.19
N ALA A 281 0.55 -6.76 15.21
CA ALA A 281 -0.66 -7.59 15.16
C ALA A 281 -1.95 -6.80 14.96
N GLY A 282 -2.01 -5.62 15.54
CA GLY A 282 -3.20 -4.78 15.50
C GLY A 282 -3.68 -4.40 14.11
N ALA A 283 -2.76 -4.21 13.18
CA ALA A 283 -3.12 -3.79 11.83
C ALA A 283 -4.07 -4.75 11.11
N ASN A 284 -3.87 -6.05 11.28
CA ASN A 284 -4.71 -7.06 10.65
C ASN A 284 -6.22 -6.81 10.77
N ILE A 285 -6.62 -6.01 11.75
CA ILE A 285 -8.04 -5.66 12.01
C ILE A 285 -8.85 -5.34 10.75
N LEU A 286 -8.30 -4.64 9.78
CA LEU A 286 -9.12 -4.35 8.61
C LEU A 286 -9.14 -5.51 7.62
N ARG A 287 -8.01 -6.25 7.52
CA ARG A 287 -7.90 -7.46 6.71
C ARG A 287 -8.94 -8.48 7.24
N GLY A 288 -9.12 -8.47 8.59
CA GLY A 288 -10.08 -9.27 9.33
C GLY A 288 -11.50 -9.09 8.82
N VAL A 289 -11.86 -7.86 8.40
CA VAL A 289 -13.15 -7.57 7.81
C VAL A 289 -13.25 -8.24 6.45
N ALA A 290 -12.27 -7.99 5.55
CA ALA A 290 -12.24 -8.54 4.20
C ALA A 290 -12.44 -10.06 4.23
N GLY A 291 -11.59 -10.76 4.97
CA GLY A 291 -11.69 -12.21 5.12
C GLY A 291 -13.05 -12.65 5.56
N ALA A 292 -13.57 -12.03 6.63
CA ALA A 292 -14.90 -12.32 7.17
C ALA A 292 -15.98 -12.16 6.12
N GLY A 293 -15.96 -11.04 5.39
CA GLY A 293 -16.90 -10.79 4.30
C GLY A 293 -16.86 -11.88 3.23
N VAL A 294 -15.66 -12.37 2.86
CA VAL A 294 -15.51 -13.45 1.87
C VAL A 294 -16.21 -14.74 2.25
N LEU A 295 -16.20 -15.07 3.54
CA LEU A 295 -16.81 -16.28 4.05
C LEU A 295 -18.34 -16.20 4.07
N SER A 296 -18.88 -15.12 4.66
CA SER A 296 -20.31 -14.87 4.79
C SER A 296 -20.94 -14.71 3.38
N ILE A 297 -20.42 -13.77 2.55
CA ILE A 297 -20.91 -13.56 1.19
C ILE A 297 -20.88 -14.91 0.44
N TYR A 298 -19.89 -15.77 0.71
CA TYR A 298 -19.80 -17.07 0.04
C TYR A 298 -21.02 -17.94 0.38
N ASP A 299 -21.27 -18.16 1.68
CA ASP A 299 -22.39 -18.98 2.15
C ASP A 299 -23.67 -18.47 1.56
N GLN A 300 -23.94 -17.15 1.69
CA GLN A 300 -25.12 -16.47 1.14
C GLN A 300 -25.27 -16.72 -0.38
N LEU A 301 -24.14 -16.60 -1.09
CA LEU A 301 -24.07 -16.83 -2.53
C LEU A 301 -24.44 -18.28 -2.87
N LYS A 302 -24.06 -19.24 -2.01
CA LYS A 302 -24.41 -20.64 -2.21
C LYS A 302 -25.89 -20.86 -1.90
N ILE A 303 -26.43 -20.15 -0.90
CA ILE A 303 -27.83 -20.26 -0.48
C ILE A 303 -28.73 -19.93 -1.67
N LEU A 304 -28.44 -18.80 -2.35
CA LEU A 304 -29.23 -18.39 -3.52
C LEU A 304 -28.98 -19.30 -4.72
N LEU A 305 -27.80 -19.92 -4.79
CA LEU A 305 -27.46 -20.79 -5.90
C LEU A 305 -28.10 -22.17 -5.78
N PHE A 306 -28.10 -22.77 -4.58
CA PHE A 306 -28.65 -24.12 -4.40
C PHE A 306 -29.88 -24.09 -3.49
N GLN B 1 -4.20 32.62 -18.46
CA GLN B 1 -5.00 33.29 -17.45
C GLN B 1 -4.21 33.52 -16.16
N VAL B 2 -3.62 32.44 -15.64
CA VAL B 2 -2.85 32.38 -14.40
C VAL B 2 -1.39 32.54 -14.75
N GLN B 3 -0.71 33.54 -14.17
CA GLN B 3 0.70 33.73 -14.51
C GLN B 3 1.61 33.73 -13.28
N LEU B 4 2.77 33.04 -13.39
CA LEU B 4 3.84 33.03 -12.39
C LEU B 4 5.03 33.80 -12.95
N VAL B 5 5.25 35.01 -12.43
CA VAL B 5 6.29 35.91 -12.89
C VAL B 5 7.39 36.06 -11.83
N GLU B 6 8.60 35.62 -12.19
CA GLU B 6 9.76 35.66 -11.31
C GLU B 6 10.32 37.05 -11.34
N SER B 7 10.67 37.56 -10.16
CA SER B 7 11.24 38.89 -9.97
C SER B 7 12.57 38.73 -9.22
N GLY B 8 13.48 39.67 -9.39
CA GLY B 8 14.80 39.62 -8.76
C GLY B 8 15.74 38.66 -9.46
N GLY B 9 17.02 38.73 -9.11
CA GLY B 9 18.05 37.87 -9.67
C GLY B 9 18.80 38.44 -10.85
N GLY B 10 20.11 38.36 -10.76
CA GLY B 10 21.03 38.84 -11.78
C GLY B 10 22.39 38.22 -11.64
N LEU B 11 23.44 39.01 -11.86
CA LEU B 11 24.83 38.61 -11.68
C LEU B 11 25.27 39.14 -10.33
N VAL B 12 25.78 38.24 -9.48
CA VAL B 12 26.26 38.55 -8.13
C VAL B 12 27.60 37.81 -7.84
N GLN B 13 28.41 38.37 -6.93
CA GLN B 13 29.69 37.77 -6.54
C GLN B 13 29.44 36.59 -5.59
N ALA B 14 30.41 35.67 -5.50
CA ALA B 14 30.32 34.50 -4.63
C ALA B 14 30.24 34.91 -3.18
N GLY B 15 29.39 34.23 -2.43
CA GLY B 15 29.21 34.50 -1.01
C GLY B 15 28.16 35.55 -0.70
N ASP B 16 27.82 36.40 -1.68
CA ASP B 16 26.81 37.46 -1.48
C ASP B 16 25.41 36.86 -1.31
N SER B 17 24.43 37.70 -0.99
CA SER B 17 23.07 37.20 -0.79
C SER B 17 22.07 37.81 -1.76
N LEU B 18 21.13 36.97 -2.23
CA LEU B 18 20.05 37.40 -3.13
C LEU B 18 18.67 37.06 -2.58
N ARG B 19 17.65 37.74 -3.11
CA ARG B 19 16.24 37.47 -2.80
C ARG B 19 15.48 37.47 -4.11
N LEU B 20 14.81 36.35 -4.36
CA LEU B 20 14.00 36.16 -5.56
C LEU B 20 12.54 36.21 -5.17
N ALA B 21 11.74 36.86 -6.00
CA ALA B 21 10.31 36.95 -5.77
C ALA B 21 9.58 36.13 -6.81
N CYS B 22 8.33 35.79 -6.52
CA CYS B 22 7.49 35.05 -7.44
C CYS B 22 6.07 35.60 -7.34
N ALA B 23 5.66 36.43 -8.32
CA ALA B 23 4.34 37.04 -8.34
C ALA B 23 3.32 36.12 -9.01
N ALA B 24 2.27 35.75 -8.26
CA ALA B 24 1.22 34.86 -8.75
C ALA B 24 -0.05 35.64 -8.99
N SER B 25 -0.53 35.63 -10.24
CA SER B 25 -1.74 36.37 -10.63
C SER B 25 -2.77 35.43 -11.25
N GLY B 26 -4.04 35.72 -10.99
CA GLY B 26 -5.17 34.97 -11.55
C GLY B 26 -5.75 33.85 -10.71
N ILE B 27 -5.18 33.59 -9.52
CA ILE B 27 -5.66 32.53 -8.62
C ILE B 27 -5.68 32.94 -7.15
N THR B 28 -6.37 32.11 -6.32
CA THR B 28 -6.40 32.31 -4.88
C THR B 28 -5.02 31.91 -4.37
N PHE B 29 -4.26 32.89 -3.92
CA PHE B 29 -2.90 32.64 -3.48
C PHE B 29 -2.87 32.03 -2.09
N SER B 30 -3.79 32.43 -1.21
CA SER B 30 -3.86 31.97 0.18
C SER B 30 -4.24 30.49 0.32
N SER B 31 -4.24 29.74 -0.80
CA SER B 31 -4.60 28.32 -0.76
C SER B 31 -3.67 27.47 -1.63
N TYR B 32 -2.50 28.00 -2.04
CA TYR B 32 -1.58 27.30 -2.92
C TYR B 32 -0.19 27.19 -2.37
N THR B 33 0.37 25.99 -2.39
CA THR B 33 1.76 25.72 -2.05
C THR B 33 2.63 26.27 -3.16
N MET B 34 3.70 26.98 -2.80
CA MET B 34 4.65 27.53 -3.74
C MET B 34 5.95 26.74 -3.66
N GLY B 35 6.51 26.42 -4.82
CA GLY B 35 7.76 25.69 -4.91
C GLY B 35 8.81 26.45 -5.68
N TRP B 36 10.07 26.23 -5.33
CA TRP B 36 11.17 26.86 -6.02
C TRP B 36 12.05 25.80 -6.60
N PHE B 37 12.46 25.97 -7.86
CA PHE B 37 13.35 25.05 -8.57
C PHE B 37 14.41 25.81 -9.31
N ARG B 38 15.39 25.11 -9.84
CA ARG B 38 16.46 25.72 -10.60
C ARG B 38 16.90 24.80 -11.70
N GLN B 39 17.39 25.37 -12.79
CA GLN B 39 17.90 24.61 -13.93
C GLN B 39 19.17 25.27 -14.50
N ALA B 40 20.28 24.51 -14.51
CA ALA B 40 21.56 24.96 -15.06
C ALA B 40 21.91 24.11 -16.26
N PRO B 41 22.52 24.71 -17.31
CA PRO B 41 22.84 23.93 -18.50
C PRO B 41 23.79 22.78 -18.23
N GLY B 42 23.37 21.61 -18.66
CA GLY B 42 24.11 20.36 -18.51
C GLY B 42 23.80 19.58 -17.24
N LYS B 43 22.92 20.15 -16.40
CA LYS B 43 22.51 19.56 -15.13
C LYS B 43 21.01 19.34 -15.14
N GLU B 44 20.55 18.15 -14.71
CA GLU B 44 19.13 17.84 -14.60
C GLU B 44 18.49 18.76 -13.58
N ARG B 45 17.27 19.26 -13.87
CA ARG B 45 16.56 20.18 -12.97
C ARG B 45 16.49 19.64 -11.57
N GLU B 46 16.43 20.51 -10.57
CA GLU B 46 16.33 20.02 -9.21
C GLU B 46 15.41 20.89 -8.38
N TYR B 47 14.68 20.27 -7.43
CA TYR B 47 13.75 20.96 -6.57
C TYR B 47 14.49 21.67 -5.44
N ILE B 48 14.21 22.93 -5.24
CA ILE B 48 14.89 23.68 -4.19
C ILE B 48 14.09 23.60 -2.88
N ALA B 49 12.90 24.19 -2.85
CA ALA B 49 12.11 24.25 -1.63
C ALA B 49 10.63 24.38 -1.93
N ARG B 50 9.80 24.24 -0.89
CA ARG B 50 8.35 24.36 -1.00
C ARG B 50 7.81 24.95 0.29
N ILE B 51 6.75 25.74 0.18
CA ILE B 51 6.09 26.35 1.35
C ILE B 51 4.58 26.16 1.21
N THR B 52 3.89 25.92 2.34
CA THR B 52 2.44 25.73 2.38
C THR B 52 1.72 27.01 2.01
N GLY B 53 0.44 26.90 1.68
CA GLY B 53 -0.38 28.04 1.29
C GLY B 53 -0.57 29.12 2.35
N SER B 54 -0.60 28.70 3.61
CA SER B 54 -0.82 29.58 4.75
C SER B 54 0.51 30.03 5.40
N GLY B 55 1.64 29.60 4.82
CA GLY B 55 2.97 29.90 5.33
C GLY B 55 3.24 29.29 6.70
N SER B 56 2.72 28.08 6.93
CA SER B 56 2.89 27.37 8.19
C SER B 56 4.13 26.48 8.16
N ASN B 57 4.21 25.57 7.16
CA ASN B 57 5.31 24.64 7.04
C ASN B 57 6.15 24.89 5.80
N THR B 58 7.48 24.78 5.96
CA THR B 58 8.45 24.94 4.89
C THR B 58 9.27 23.67 4.77
N TYR B 59 9.65 23.32 3.54
CA TYR B 59 10.44 22.13 3.27
C TYR B 59 11.55 22.48 2.29
N TYR B 60 12.76 21.96 2.55
CA TYR B 60 13.94 22.23 1.72
C TYR B 60 14.54 20.94 1.16
N ALA B 61 15.59 21.09 0.32
CA ALA B 61 16.36 19.98 -0.21
C ALA B 61 17.68 19.85 0.58
N ASP B 62 18.35 18.70 0.52
CA ASP B 62 19.61 18.52 1.22
C ASP B 62 20.74 19.40 0.65
N SER B 63 20.69 19.70 -0.65
CA SER B 63 21.69 20.52 -1.30
C SER B 63 21.70 21.98 -0.79
N VAL B 64 20.51 22.53 -0.44
CA VAL B 64 20.38 23.94 -0.04
C VAL B 64 19.87 24.08 1.42
N LYS B 65 20.19 23.09 2.27
CA LYS B 65 19.79 23.10 3.68
C LYS B 65 20.54 24.19 4.45
N GLY B 66 19.78 25.04 5.14
CA GLY B 66 20.27 26.10 6.03
C GLY B 66 20.78 27.33 5.32
N ARG B 67 21.03 27.21 4.02
CA ARG B 67 21.55 28.27 3.19
C ARG B 67 20.42 29.10 2.60
N TYR B 68 19.39 28.42 2.07
CA TYR B 68 18.22 29.09 1.49
C TYR B 68 17.08 29.13 2.50
N THR B 69 16.27 30.20 2.47
CA THR B 69 15.15 30.36 3.37
C THR B 69 13.96 30.87 2.56
N ILE B 70 12.89 30.08 2.54
CA ILE B 70 11.68 30.38 1.79
C ILE B 70 10.61 31.02 2.70
N SER B 71 9.86 31.96 2.13
CA SER B 71 8.79 32.69 2.81
C SER B 71 7.75 33.10 1.78
N ARG B 72 6.65 33.73 2.24
CA ARG B 72 5.59 34.16 1.34
C ARG B 72 4.73 35.25 1.96
N ASP B 73 4.02 35.98 1.08
CA ASP B 73 3.11 37.05 1.45
C ASP B 73 1.82 36.89 0.68
N ASN B 74 0.71 36.69 1.40
CA ASN B 74 -0.63 36.52 0.82
C ASN B 74 -1.29 37.87 0.54
N ALA B 75 -0.85 38.93 1.24
CA ALA B 75 -1.40 40.27 0.99
C ALA B 75 -0.92 40.83 -0.36
N LYS B 76 0.28 40.39 -0.82
CA LYS B 76 0.86 40.84 -2.09
C LYS B 76 0.86 39.72 -3.15
N ASN B 77 0.44 38.49 -2.78
CA ASN B 77 0.41 37.33 -3.67
C ASN B 77 1.81 37.06 -4.25
N THR B 78 2.79 36.89 -3.35
CA THR B 78 4.18 36.69 -3.74
C THR B 78 4.86 35.63 -2.89
N ALA B 79 5.81 34.89 -3.48
CA ALA B 79 6.62 33.89 -2.80
C ALA B 79 8.07 34.29 -2.88
N TYR B 80 8.76 34.30 -1.73
CA TYR B 80 10.13 34.75 -1.67
C TYR B 80 11.11 33.63 -1.39
N LEU B 81 12.28 33.70 -2.01
CA LEU B 81 13.35 32.77 -1.80
C LEU B 81 14.62 33.54 -1.49
N GLN B 82 15.13 33.38 -0.26
CA GLN B 82 16.35 34.03 0.18
C GLN B 82 17.55 33.16 -0.02
N MET B 83 18.46 33.59 -0.90
CA MET B 83 19.69 32.86 -1.20
C MET B 83 20.91 33.40 -0.49
N ASN B 84 21.52 32.60 0.38
CA ASN B 84 22.67 33.05 1.15
C ASN B 84 23.87 32.15 0.96
N SER B 85 25.07 32.72 1.16
CA SER B 85 26.38 32.05 1.07
C SER B 85 26.44 31.27 -0.23
N LEU B 86 26.33 31.99 -1.33
CA LEU B 86 26.30 31.40 -2.65
C LEU B 86 27.65 30.89 -3.11
N LYS B 87 27.61 29.77 -3.85
CA LYS B 87 28.76 29.09 -4.45
C LYS B 87 28.63 29.18 -5.97
N PRO B 88 29.72 29.07 -6.75
CA PRO B 88 29.60 29.16 -8.21
C PRO B 88 28.65 28.12 -8.84
N GLU B 89 28.52 26.94 -8.21
CA GLU B 89 27.68 25.85 -8.69
C GLU B 89 26.15 26.18 -8.60
N ASP B 90 25.79 27.30 -7.92
CA ASP B 90 24.39 27.68 -7.73
C ASP B 90 23.87 28.43 -8.91
N THR B 91 24.77 28.84 -9.82
CA THR B 91 24.45 29.52 -11.07
C THR B 91 23.41 28.65 -11.82
N ALA B 92 22.19 29.18 -11.95
CA ALA B 92 21.10 28.48 -12.63
C ALA B 92 19.94 29.43 -12.91
N ASN B 93 18.93 28.94 -13.66
CA ASN B 93 17.71 29.67 -13.93
C ASN B 93 16.69 29.21 -12.91
N TYR B 94 16.36 30.07 -11.95
CA TYR B 94 15.44 29.69 -10.89
C TYR B 94 14.02 29.95 -11.28
N TYR B 95 13.19 28.92 -11.27
CA TYR B 95 11.79 29.07 -11.62
C TYR B 95 10.90 28.68 -10.45
N CYS B 96 9.68 29.17 -10.50
CA CYS B 96 8.72 29.06 -9.44
C CYS B 96 7.49 28.25 -9.87
N ALA B 97 6.85 27.54 -8.93
CA ALA B 97 5.67 26.75 -9.23
C ALA B 97 4.64 26.90 -8.14
N ALA B 98 3.40 26.48 -8.41
CA ALA B 98 2.30 26.56 -7.44
C ALA B 98 1.34 25.39 -7.64
N ARG B 99 0.77 24.86 -6.54
CA ARG B 99 -0.20 23.76 -6.59
C ARG B 99 -1.14 23.84 -5.38
N ASP B 100 -2.37 23.38 -5.56
CA ASP B 100 -3.38 23.45 -4.49
C ASP B 100 -2.91 22.75 -3.22
N ASP B 101 -3.26 23.31 -2.08
CA ASP B 101 -2.92 22.74 -0.78
C ASP B 101 -3.69 21.48 -0.54
N GLY B 102 -2.99 20.49 -0.03
CA GLY B 102 -3.60 19.22 0.33
C GLY B 102 -4.26 18.44 -0.78
N ARG B 103 -3.51 18.20 -1.83
CA ARG B 103 -3.92 17.32 -2.93
C ARG B 103 -2.78 16.33 -3.06
N MET B 104 -3.04 15.02 -3.24
CA MET B 104 -1.85 14.18 -3.32
C MET B 104 -1.32 14.16 -4.74
N TYR B 105 -0.03 14.49 -4.90
CA TYR B 105 0.68 14.58 -6.17
C TYR B 105 1.69 13.45 -6.34
N GLN B 106 2.03 13.10 -7.60
CA GLN B 106 2.93 11.97 -7.90
C GLN B 106 4.33 12.17 -7.31
N GLY B 107 4.78 13.43 -7.20
CA GLY B 107 6.10 13.76 -6.65
C GLY B 107 6.34 15.25 -6.50
N PHE B 108 7.60 15.63 -6.28
CA PHE B 108 8.00 17.03 -6.14
C PHE B 108 7.79 17.81 -7.42
N TYR B 109 8.02 17.19 -8.56
CA TYR B 109 7.95 17.88 -9.84
C TYR B 109 6.54 17.95 -10.40
N ASP B 110 5.53 17.49 -9.64
CA ASP B 110 4.16 17.59 -10.10
C ASP B 110 3.49 18.81 -9.49
N PHE B 111 3.30 19.84 -10.32
CA PHE B 111 2.67 21.10 -9.96
C PHE B 111 1.62 21.53 -10.98
N GLU B 112 0.78 22.49 -10.60
CA GLU B 112 -0.27 23.02 -11.47
C GLU B 112 0.28 24.08 -12.44
N TYR B 113 0.88 25.13 -11.88
CA TYR B 113 1.37 26.26 -12.63
C TYR B 113 2.84 26.43 -12.45
N TRP B 114 3.51 26.80 -13.56
CA TRP B 114 4.94 26.97 -13.67
C TRP B 114 5.31 28.33 -14.20
N GLY B 115 6.38 28.86 -13.65
CA GLY B 115 6.95 30.14 -14.08
C GLY B 115 7.99 29.89 -15.15
N GLN B 116 8.53 31.00 -15.72
CA GLN B 116 9.53 30.88 -16.78
C GLN B 116 10.96 31.00 -16.25
N GLY B 117 11.11 31.70 -15.14
CA GLY B 117 12.39 31.73 -14.46
C GLY B 117 13.20 32.99 -14.62
N THR B 118 14.08 33.20 -13.64
CA THR B 118 15.02 34.32 -13.58
C THR B 118 16.44 33.73 -13.51
N GLN B 119 17.34 34.24 -14.36
CA GLN B 119 18.73 33.80 -14.42
C GLN B 119 19.49 34.29 -13.18
N VAL B 120 20.34 33.44 -12.61
CA VAL B 120 21.17 33.82 -11.46
C VAL B 120 22.58 33.35 -11.76
N THR B 121 23.52 34.28 -11.91
CA THR B 121 24.92 33.93 -12.19
C THR B 121 25.78 34.37 -11.02
N VAL B 122 26.63 33.45 -10.55
CA VAL B 122 27.54 33.67 -9.44
C VAL B 122 28.98 33.71 -9.96
N SER B 123 29.65 34.89 -9.85
CA SER B 123 31.04 35.09 -10.25
C SER B 123 32.00 34.59 -9.14
N SER B 124 33.26 34.28 -9.52
CA SER B 124 34.28 33.79 -8.60
C SER B 124 35.36 34.85 -8.37
#